data_9DZC
#
_entry.id   9DZC
#
_cell.length_a   79.237
_cell.length_b   92.828
_cell.length_c   118.205
_cell.angle_alpha   90.000
_cell.angle_beta   90.000
_cell.angle_gamma   90.000
#
_symmetry.space_group_name_H-M   'P 21 21 21'
#
loop_
_entity.id
_entity.type
_entity.pdbx_description
1 polymer 'Reticulocyte-binding protein 2b'
2 non-polymer (4S)-2-METHYL-2,4-PENTANEDIOL
3 non-polymer GLYCEROL
4 non-polymer '4-(2-HYDROXYETHYL)-1-PIPERAZINE ETHANESULFONIC ACID'
5 non-polymer DI(HYDROXYETHYL)ETHER
6 water water
#
_entity_poly.entity_id   1
_entity_poly.type   'polypeptide(L)'
_entity_poly.pdbx_seq_one_letter_code
;MSYYHHHHHHDYDIPTTENLYFQGAMGSTNTTDNIDYFDISDESNYYLISQLRPHFSNIYFFDEFKRYASYHTEIKRYED
IHKTKVNSLLNEASRAIGICNRLKNTLKGLINILENPQKFKTQRESYDVLLRQYEEKKEAFRGCLLNKNRKNLDQIKKIN
NEIRDLLEKLKCSQDCQTNVYWDMIKIYLVDFKKMPLENYDTFIKQFKNSYLSYVDLIRKIEKQIDDPITLNAIKFVLKE
MGYIIDRFEYHLQKVKHAIDQVTALADGVKPKQVTKNELKEYYFNIGNYYAIFKFAKDQLNMLNKALIHKEKIVHNLLGE
LFGHLEERIS
;
_entity_poly.pdbx_strand_id   A,B
#
loop_
_chem_comp.id
_chem_comp.type
_chem_comp.name
_chem_comp.formula
EPE non-polymer '4-(2-HYDROXYETHYL)-1-PIPERAZINE ETHANESULFONIC ACID' 'C8 H18 N2 O4 S'
GOL non-polymer GLYCEROL 'C3 H8 O3'
MPD non-polymer (4S)-2-METHYL-2,4-PENTANEDIOL 'C6 H14 O2'
PEG non-polymer DI(HYDROXYETHYL)ETHER 'C4 H10 O3'
#
# COMPACT_ATOMS: atom_id res chain seq x y z
N SER A 28 29.16 -20.20 -13.22
CA SER A 28 28.77 -21.25 -14.15
C SER A 28 27.78 -20.73 -15.19
N THR A 29 27.83 -21.29 -16.39
CA THR A 29 27.00 -20.83 -17.50
C THR A 29 25.55 -21.23 -17.32
N ASN A 30 24.64 -20.25 -17.43
CA ASN A 30 23.20 -20.47 -17.33
C ASN A 30 22.83 -21.14 -16.02
N THR A 31 23.40 -20.63 -14.92
CA THR A 31 23.18 -21.22 -13.61
C THR A 31 22.90 -20.10 -12.61
N THR A 32 21.70 -20.11 -12.03
CA THR A 32 21.38 -19.22 -10.92
C THR A 32 22.00 -19.77 -9.65
N ASP A 33 22.92 -19.00 -9.05
CA ASP A 33 23.58 -19.45 -7.84
C ASP A 33 22.94 -18.92 -6.57
N ASN A 34 22.13 -17.87 -6.67
CA ASN A 34 21.50 -17.23 -5.53
C ASN A 34 20.02 -17.03 -5.84
N ILE A 35 19.15 -17.47 -4.94
CA ILE A 35 17.72 -17.24 -5.12
C ILE A 35 17.16 -16.43 -3.97
N ASP A 36 17.88 -15.38 -3.55
CA ASP A 36 17.39 -14.49 -2.51
C ASP A 36 16.24 -13.61 -2.95
N TYR A 37 15.83 -13.65 -4.22
CA TYR A 37 14.82 -12.72 -4.69
C TYR A 37 13.41 -13.07 -4.22
N PHE A 38 13.18 -14.27 -3.69
CA PHE A 38 11.87 -14.62 -3.16
C PHE A 38 11.64 -13.93 -1.82
N ASP A 39 10.47 -13.34 -1.64
CA ASP A 39 10.04 -12.80 -0.36
C ASP A 39 8.56 -13.14 -0.18
N ILE A 40 8.00 -12.74 0.96
CA ILE A 40 6.58 -12.97 1.24
C ILE A 40 6.14 -11.98 2.31
N SER A 41 4.88 -11.53 2.19
CA SER A 41 4.24 -10.69 3.19
C SER A 41 3.27 -11.53 4.01
N ASP A 42 2.92 -11.01 5.19
CA ASP A 42 1.90 -11.66 5.99
C ASP A 42 0.51 -11.34 5.45
N GLU A 43 -0.50 -12.02 5.99
CA GLU A 43 -1.85 -11.89 5.48
C GLU A 43 -2.36 -10.45 5.57
N SER A 44 -1.97 -9.72 6.62
CA SER A 44 -2.38 -8.32 6.74
C SER A 44 -1.58 -7.40 5.84
N ASN A 45 -0.54 -7.91 5.17
CA ASN A 45 0.33 -7.11 4.30
C ASN A 45 1.00 -5.97 5.06
N TYR A 46 1.20 -6.14 6.36
CA TYR A 46 1.92 -5.17 7.18
C TYR A 46 3.39 -5.52 7.34
N TYR A 47 3.75 -6.79 7.26
CA TYR A 47 5.13 -7.24 7.41
C TYR A 47 5.60 -7.91 6.12
N LEU A 48 6.79 -7.55 5.67
CA LEU A 48 7.43 -8.18 4.52
C LEU A 48 8.66 -8.94 5.02
N ILE A 49 8.74 -10.22 4.69
CA ILE A 49 9.82 -11.09 5.14
C ILE A 49 10.80 -11.28 3.99
N SER A 50 12.04 -10.86 4.21
CA SER A 50 13.10 -10.98 3.22
C SER A 50 14.12 -12.02 3.65
N GLN A 51 14.76 -12.64 2.66
CA GLN A 51 15.86 -13.57 2.93
C GLN A 51 17.15 -12.85 3.29
N LEU A 52 17.24 -11.55 3.04
CA LEU A 52 18.39 -10.76 3.45
C LEU A 52 18.21 -10.27 4.88
N ARG A 53 19.26 -10.37 5.67
CA ARG A 53 19.23 -9.78 7.01
C ARG A 53 19.01 -8.28 6.89
N PRO A 54 18.28 -7.66 7.83
CA PRO A 54 17.73 -8.22 9.08
C PRO A 54 16.36 -8.88 8.92
N HIS A 55 16.00 -9.26 7.69
CA HIS A 55 14.79 -10.03 7.39
C HIS A 55 13.50 -9.24 7.55
N PHE A 56 13.46 -8.27 8.47
CA PHE A 56 12.36 -7.32 8.57
C PHE A 56 12.91 -5.91 8.66
N SER A 57 12.22 -4.95 8.02
CA SER A 57 12.60 -3.56 8.19
C SER A 57 12.38 -3.07 9.61
N ASN A 58 11.53 -3.75 10.38
CA ASN A 58 11.23 -3.33 11.75
C ASN A 58 12.46 -3.38 12.64
N ILE A 59 13.42 -4.25 12.33
CA ILE A 59 14.67 -4.29 13.08
C ILE A 59 15.41 -2.97 12.94
N TYR A 60 15.42 -2.42 11.72
CA TYR A 60 16.09 -1.13 11.52
C TYR A 60 15.40 -0.01 12.29
N PHE A 61 14.08 -0.08 12.44
CA PHE A 61 13.40 0.90 13.28
C PHE A 61 13.87 0.79 14.73
N PHE A 62 13.97 -0.44 15.25
CA PHE A 62 14.49 -0.62 16.59
C PHE A 62 15.92 -0.09 16.70
N ASP A 63 16.72 -0.27 15.64
CA ASP A 63 18.07 0.30 15.65
C ASP A 63 18.03 1.82 15.63
N GLU A 64 17.07 2.41 14.89
CA GLU A 64 16.96 3.86 14.86
C GLU A 64 16.50 4.42 16.20
N PHE A 65 15.55 3.75 16.85
CA PHE A 65 15.10 4.24 18.15
C PHE A 65 16.22 4.19 19.18
N LYS A 66 17.14 3.23 19.03
CA LYS A 66 18.33 3.23 19.87
C LYS A 66 19.09 4.54 19.76
N ARG A 67 19.11 5.14 18.57
CA ARG A 67 19.72 6.45 18.43
C ARG A 67 18.84 7.54 19.02
N TYR A 68 17.52 7.46 18.84
CA TYR A 68 16.63 8.46 19.44
C TYR A 68 16.76 8.44 20.95
N ALA A 69 16.79 7.25 21.56
CA ALA A 69 16.80 7.13 23.01
C ALA A 69 18.08 7.65 23.64
N SER A 70 19.18 7.71 22.88
CA SER A 70 20.43 8.21 23.46
C SER A 70 20.36 9.70 23.77
N TYR A 71 19.43 10.43 23.16
CA TYR A 71 19.26 11.86 23.41
C TYR A 71 18.33 12.15 24.58
N HIS A 72 17.69 11.14 25.15
CA HIS A 72 16.75 11.31 26.25
C HIS A 72 17.20 10.42 27.41
N THR A 73 17.71 11.05 28.47
CA THR A 73 18.19 10.29 29.61
C THR A 73 17.06 9.56 30.34
N GLU A 74 15.81 9.97 30.12
CA GLU A 74 14.68 9.33 30.78
C GLU A 74 14.41 7.93 30.28
N ILE A 75 15.04 7.52 29.17
CA ILE A 75 14.73 6.22 28.57
C ILE A 75 16.01 5.46 28.25
N LYS A 76 16.96 5.48 29.19
CA LYS A 76 18.20 4.74 28.99
C LYS A 76 18.01 3.24 29.03
N ARG A 77 16.86 2.76 29.54
CA ARG A 77 16.63 1.33 29.65
C ARG A 77 16.55 0.64 28.29
N TYR A 78 16.21 1.39 27.23
CA TYR A 78 16.17 0.80 25.90
C TYR A 78 17.52 0.26 25.46
N GLU A 79 18.61 0.75 26.04
CA GLU A 79 19.92 0.20 25.76
C GLU A 79 19.96 -1.30 26.05
N ASP A 80 19.25 -1.72 27.11
CA ASP A 80 19.17 -3.13 27.48
C ASP A 80 18.10 -3.84 26.67
N ILE A 81 16.98 -3.17 26.40
CA ILE A 81 15.93 -3.76 25.58
C ILE A 81 16.45 -4.06 24.19
N HIS A 82 17.25 -3.15 23.62
CA HIS A 82 17.82 -3.37 22.30
C HIS A 82 18.82 -4.52 22.32
N LYS A 83 19.75 -4.49 23.29
CA LYS A 83 20.79 -5.51 23.34
C LYS A 83 20.19 -6.90 23.56
N THR A 84 19.13 -6.99 24.36
CA THR A 84 18.53 -8.29 24.69
C THR A 84 17.44 -8.66 23.70
N LYS A 85 16.33 -7.92 23.71
CA LYS A 85 15.15 -8.33 22.95
C LYS A 85 15.34 -8.12 21.45
N VAL A 86 15.89 -6.97 21.05
CA VAL A 86 15.99 -6.67 19.62
C VAL A 86 17.01 -7.58 18.95
N ASN A 87 18.21 -7.71 19.53
CA ASN A 87 19.23 -8.57 18.92
C ASN A 87 18.79 -10.03 18.91
N SER A 88 18.09 -10.47 19.96
CA SER A 88 17.61 -11.86 19.96
C SER A 88 16.56 -12.08 18.89
N LEU A 89 15.70 -11.08 18.66
CA LEU A 89 14.71 -11.20 17.59
C LEU A 89 15.39 -11.31 16.23
N LEU A 90 16.45 -10.53 16.01
CA LEU A 90 17.22 -10.67 14.78
C LEU A 90 17.77 -12.08 14.62
N ASN A 91 18.39 -12.61 15.69
CA ASN A 91 18.97 -13.95 15.59
C ASN A 91 17.90 -15.03 15.48
N GLU A 92 16.74 -14.82 16.13
CA GLU A 92 15.64 -15.77 15.95
C GLU A 92 15.06 -15.69 14.55
N ALA A 93 14.99 -14.49 13.98
CA ALA A 93 14.55 -14.36 12.59
C ALA A 93 15.51 -15.07 11.65
N SER A 94 16.82 -14.91 11.88
CA SER A 94 17.80 -15.62 11.06
C SER A 94 17.68 -17.13 11.22
N ARG A 95 17.48 -17.61 12.44
CA ARG A 95 17.31 -19.05 12.62
C ARG A 95 16.04 -19.56 11.93
N ALA A 96 14.94 -18.81 12.04
CA ALA A 96 13.70 -19.22 11.40
C ALA A 96 13.88 -19.37 9.90
N ILE A 97 14.54 -18.40 9.26
CA ILE A 97 14.84 -18.50 7.84
C ILE A 97 15.68 -19.74 7.56
N GLY A 98 16.58 -20.09 8.49
CA GLY A 98 17.45 -21.24 8.27
C GLY A 98 16.70 -22.55 8.22
N ILE A 99 15.57 -22.65 8.93
CA ILE A 99 14.76 -23.87 8.89
C ILE A 99 14.29 -24.17 7.47
N CYS A 100 14.11 -23.14 6.65
CA CYS A 100 13.65 -23.30 5.28
C CYS A 100 14.78 -23.58 4.29
N ASN A 101 15.98 -23.89 4.77
CA ASN A 101 17.11 -24.05 3.84
C ASN A 101 16.99 -25.33 3.02
N ARG A 102 16.45 -26.40 3.59
CA ARG A 102 16.28 -27.63 2.82
C ARG A 102 15.34 -27.41 1.64
N LEU A 103 14.23 -26.70 1.87
CA LEU A 103 13.33 -26.34 0.78
C LEU A 103 14.02 -25.44 -0.24
N LYS A 104 14.84 -24.49 0.25
CA LYS A 104 15.54 -23.59 -0.66
C LYS A 104 16.47 -24.36 -1.60
N ASN A 105 17.21 -25.34 -1.06
CA ASN A 105 18.14 -26.09 -1.90
C ASN A 105 17.39 -26.92 -2.94
N THR A 106 16.29 -27.54 -2.55
CA THR A 106 15.46 -28.26 -3.51
C THR A 106 14.96 -27.32 -4.60
N LEU A 107 14.40 -26.17 -4.21
CA LEU A 107 13.89 -25.21 -5.18
C LEU A 107 14.99 -24.74 -6.11
N LYS A 108 16.15 -24.37 -5.53
CA LYS A 108 17.26 -23.92 -6.36
C LYS A 108 17.71 -25.02 -7.32
N GLY A 109 17.69 -26.27 -6.87
CA GLY A 109 18.01 -27.38 -7.75
C GLY A 109 17.06 -27.48 -8.92
N LEU A 110 15.77 -27.26 -8.68
CA LEU A 110 14.80 -27.30 -9.78
C LEU A 110 14.99 -26.12 -10.73
N ILE A 111 15.31 -24.94 -10.17
CA ILE A 111 15.55 -23.78 -11.01
C ILE A 111 16.72 -24.03 -11.97
N ASN A 112 17.82 -24.58 -11.44
CA ASN A 112 19.00 -24.80 -12.27
C ASN A 112 18.74 -25.79 -13.39
N ILE A 113 17.86 -26.77 -13.17
CA ILE A 113 17.50 -27.71 -14.23
C ILE A 113 16.60 -27.04 -15.25
N LEU A 114 15.57 -26.34 -14.79
CA LEU A 114 14.57 -25.78 -15.70
C LEU A 114 15.16 -24.68 -16.57
N GLU A 115 16.18 -23.97 -16.09
CA GLU A 115 16.74 -22.85 -16.82
C GLU A 115 17.87 -23.25 -17.77
N ASN A 116 18.45 -24.43 -17.59
CA ASN A 116 19.65 -24.83 -18.32
C ASN A 116 19.35 -26.04 -19.20
N PRO A 117 19.26 -25.88 -20.52
CA PRO A 117 18.97 -27.04 -21.38
C PRO A 117 19.96 -28.18 -21.22
N GLN A 118 21.24 -27.88 -21.01
CA GLN A 118 22.23 -28.94 -20.85
CA GLN A 118 22.23 -28.94 -20.85
C GLN A 118 21.99 -29.75 -19.57
N LYS A 119 21.60 -29.07 -18.49
CA LYS A 119 21.33 -29.79 -17.25
C LYS A 119 20.02 -30.58 -17.33
N PHE A 120 19.07 -30.11 -18.12
CA PHE A 120 17.85 -30.87 -18.33
C PHE A 120 18.12 -32.16 -19.11
N LYS A 121 19.02 -32.09 -20.09
CA LYS A 121 19.33 -33.28 -20.89
C LYS A 121 20.10 -34.33 -20.11
N THR A 122 20.67 -33.98 -18.96
CA THR A 122 21.44 -34.91 -18.16
C THR A 122 20.62 -35.62 -17.08
N GLN A 123 19.31 -35.39 -17.03
CA GLN A 123 18.41 -36.07 -16.11
C GLN A 123 17.23 -36.62 -16.89
N ARG A 124 16.33 -37.33 -16.20
CA ARG A 124 15.30 -38.10 -16.88
C ARG A 124 13.87 -37.72 -16.53
N GLU A 125 13.64 -36.69 -15.72
CA GLU A 125 12.29 -36.22 -15.49
C GLU A 125 11.82 -35.37 -16.66
N SER A 126 10.51 -35.33 -16.87
CA SER A 126 9.96 -34.52 -17.95
C SER A 126 9.82 -33.07 -17.50
N TYR A 127 9.81 -32.17 -18.49
CA TYR A 127 9.78 -30.74 -18.18
C TYR A 127 8.48 -30.35 -17.50
N ASP A 128 7.37 -30.99 -17.86
CA ASP A 128 6.09 -30.66 -17.22
C ASP A 128 6.10 -31.02 -15.74
N VAL A 129 6.67 -32.18 -15.40
CA VAL A 129 6.73 -32.58 -13.99
C VAL A 129 7.66 -31.66 -13.21
N LEU A 130 8.81 -31.30 -13.81
CA LEU A 130 9.73 -30.41 -13.12
C LEU A 130 9.13 -29.03 -12.90
N LEU A 131 8.35 -28.55 -13.88
CA LEU A 131 7.68 -27.26 -13.73
C LEU A 131 6.68 -27.30 -12.57
N ARG A 132 5.97 -28.42 -12.44
CA ARG A 132 4.99 -28.55 -11.36
C ARG A 132 5.67 -28.62 -10.00
N GLN A 133 6.77 -29.36 -9.91
CA GLN A 133 7.53 -29.41 -8.66
C GLN A 133 8.09 -28.03 -8.31
N TYR A 134 8.50 -27.25 -9.31
CA TYR A 134 8.94 -25.89 -9.05
C TYR A 134 7.84 -25.07 -8.40
N GLU A 135 6.64 -25.09 -8.97
CA GLU A 135 5.55 -24.29 -8.44
C GLU A 135 5.15 -24.74 -7.04
N GLU A 136 5.20 -26.06 -6.79
CA GLU A 136 4.90 -26.56 -5.45
C GLU A 136 5.99 -26.19 -4.46
N LYS A 137 7.26 -26.35 -4.84
CA LYS A 137 8.35 -26.02 -3.94
C LYS A 137 8.47 -24.52 -3.71
N LYS A 138 8.19 -23.72 -4.75
CA LYS A 138 8.22 -22.26 -4.59
C LYS A 138 7.22 -21.81 -3.52
N GLU A 139 5.99 -22.33 -3.58
CA GLU A 139 5.01 -21.94 -2.57
C GLU A 139 5.32 -22.55 -1.21
N ALA A 140 5.86 -23.76 -1.18
CA ALA A 140 6.25 -24.36 0.10
C ALA A 140 7.38 -23.56 0.75
N PHE A 141 8.35 -23.12 -0.05
CA PHE A 141 9.47 -22.34 0.49
C PHE A 141 9.01 -20.97 0.98
N ARG A 142 8.21 -20.26 0.17
CA ARG A 142 7.70 -18.97 0.60
C ARG A 142 6.78 -19.11 1.81
N GLY A 143 5.93 -20.12 1.82
CA GLY A 143 5.09 -20.36 2.98
C GLY A 143 5.91 -20.70 4.22
N CYS A 144 7.03 -21.40 4.04
CA CYS A 144 7.92 -21.69 5.17
C CYS A 144 8.51 -20.42 5.74
N LEU A 145 8.91 -19.48 4.88
CA LEU A 145 9.49 -18.23 5.35
C LEU A 145 8.53 -17.46 6.24
N LEU A 146 7.23 -17.52 5.96
CA LEU A 146 6.26 -16.81 6.77
C LEU A 146 5.89 -17.60 8.01
N ASN A 147 5.63 -18.91 7.86
CA ASN A 147 5.14 -19.71 8.97
C ASN A 147 6.16 -19.78 10.09
N LYS A 148 7.43 -20.02 9.76
CA LYS A 148 8.46 -20.11 10.79
C LYS A 148 8.72 -18.77 11.47
N ASN A 149 8.21 -17.66 10.93
CA ASN A 149 8.46 -16.34 11.47
C ASN A 149 7.25 -15.71 12.13
N ARG A 150 6.17 -16.48 12.36
CA ARG A 150 4.96 -15.90 12.92
C ARG A 150 5.17 -15.43 14.36
N LYS A 151 5.87 -16.23 15.16
CA LYS A 151 6.16 -15.79 16.53
C LYS A 151 7.05 -14.56 16.53
N ASN A 152 7.98 -14.48 15.58
CA ASN A 152 8.84 -13.30 15.49
C ASN A 152 8.05 -12.06 15.10
N LEU A 153 7.02 -12.22 14.25
CA LEU A 153 6.18 -11.09 13.92
C LEU A 153 5.41 -10.59 15.14
N ASP A 154 4.95 -11.51 16.00
CA ASP A 154 4.32 -11.08 17.24
C ASP A 154 5.31 -10.38 18.15
N GLN A 155 6.57 -10.79 18.15
CA GLN A 155 7.56 -10.15 18.99
C GLN A 155 7.83 -8.71 18.55
N ILE A 156 7.68 -8.43 17.25
CA ILE A 156 7.78 -7.05 16.77
C ILE A 156 6.75 -6.16 17.45
N LYS A 157 5.53 -6.66 17.61
CA LYS A 157 4.48 -5.88 18.26
C LYS A 157 4.77 -5.68 19.74
N LYS A 158 5.30 -6.70 20.41
CA LYS A 158 5.66 -6.56 21.82
C LYS A 158 6.71 -5.48 22.01
N ILE A 159 7.75 -5.47 21.17
CA ILE A 159 8.80 -4.47 21.32
C ILE A 159 8.29 -3.09 20.97
N ASN A 160 7.36 -2.98 20.02
CA ASN A 160 6.78 -1.68 19.70
C ASN A 160 5.98 -1.13 20.87
N ASN A 161 5.15 -1.96 21.50
CA ASN A 161 4.36 -1.49 22.64
C ASN A 161 5.25 -1.16 23.82
N GLU A 162 6.31 -1.96 24.03
CA GLU A 162 7.25 -1.65 25.10
C GLU A 162 7.94 -0.31 24.86
N ILE A 163 8.17 0.04 23.60
CA ILE A 163 8.77 1.34 23.29
C ILE A 163 7.79 2.46 23.59
N ARG A 164 6.51 2.27 23.20
CA ARG A 164 5.50 3.29 23.49
CA ARG A 164 5.51 3.29 23.50
C ARG A 164 5.35 3.49 25.00
N ASP A 165 5.38 2.41 25.77
CA ASP A 165 5.29 2.53 27.22
C ASP A 165 6.54 3.19 27.79
N LEU A 166 7.70 2.87 27.23
CA LEU A 166 8.93 3.49 27.71
C LEU A 166 8.96 4.99 27.43
N LEU A 167 8.37 5.41 26.30
CA LEU A 167 8.35 6.82 25.95
C LEU A 167 7.51 7.65 26.91
N GLU A 168 6.58 7.01 27.63
CA GLU A 168 5.79 7.72 28.62
C GLU A 168 6.65 8.25 29.77
N LYS A 169 7.83 7.66 29.98
CA LYS A 169 8.72 8.10 31.05
C LYS A 169 9.42 9.42 30.75
N LEU A 170 9.17 10.02 29.60
CA LEU A 170 9.75 11.32 29.29
C LEU A 170 9.19 12.38 30.22
N LYS A 171 10.07 13.26 30.70
CA LYS A 171 9.68 14.33 31.62
C LYS A 171 9.11 15.52 30.86
N CYS A 172 8.04 15.26 30.11
CA CYS A 172 7.34 16.29 29.37
C CYS A 172 5.93 15.80 29.11
N SER A 173 5.01 16.75 28.94
CA SER A 173 3.62 16.39 28.69
C SER A 173 3.05 17.17 27.51
N GLN A 174 2.99 18.50 27.65
CA GLN A 174 2.49 19.38 26.60
C GLN A 174 3.59 20.24 25.99
N ASP A 175 4.83 20.03 26.39
CA ASP A 175 5.96 20.87 26.00
C ASP A 175 7.14 20.02 25.54
N CYS A 176 6.85 18.88 24.91
CA CYS A 176 7.91 17.98 24.47
C CYS A 176 8.64 18.58 23.28
N GLN A 177 9.94 18.82 23.45
CA GLN A 177 10.75 19.44 22.42
C GLN A 177 10.90 18.52 21.21
N THR A 178 10.97 19.13 20.03
CA THR A 178 11.13 18.39 18.77
C THR A 178 12.51 18.57 18.17
N ASN A 179 13.50 18.96 18.99
CA ASN A 179 14.85 19.18 18.46
C ASN A 179 15.43 17.89 17.91
N VAL A 180 15.33 16.80 18.68
CA VAL A 180 15.85 15.51 18.23
C VAL A 180 15.11 15.04 17.00
N TYR A 181 13.79 15.19 16.98
CA TYR A 181 12.98 14.81 15.84
C TYR A 181 13.44 15.51 14.57
N TRP A 182 13.73 16.81 14.66
CA TRP A 182 14.14 17.57 13.49
C TRP A 182 15.62 17.40 13.17
N ASP A 183 16.46 17.06 14.16
CA ASP A 183 17.85 16.74 13.85
C ASP A 183 17.95 15.47 13.01
N MET A 184 17.10 14.47 13.30
CA MET A 184 17.17 13.22 12.55
C MET A 184 16.64 13.37 11.14
N ILE A 185 15.58 14.18 10.95
CA ILE A 185 15.04 14.38 9.61
C ILE A 185 16.10 15.02 8.71
N LYS A 186 16.88 15.95 9.26
CA LYS A 186 17.98 16.54 8.49
C LYS A 186 18.97 15.47 8.05
N ILE A 187 19.33 14.56 8.97
CA ILE A 187 20.26 13.48 8.65
C ILE A 187 19.68 12.57 7.57
N TYR A 188 18.39 12.23 7.70
CA TYR A 188 17.77 11.30 6.75
C TYR A 188 17.75 11.88 5.34
N LEU A 189 17.52 13.19 5.22
CA LEU A 189 17.49 13.81 3.89
C LEU A 189 18.83 13.72 3.19
N VAL A 190 19.92 13.85 3.95
CA VAL A 190 21.25 13.68 3.36
C VAL A 190 21.44 12.24 2.89
N ASP A 191 20.95 11.27 3.67
CA ASP A 191 21.08 9.88 3.27
C ASP A 191 20.17 9.55 2.08
N PHE A 192 19.00 10.19 1.99
CA PHE A 192 18.09 9.93 0.89
C PHE A 192 18.70 10.33 -0.45
N LYS A 193 19.51 11.39 -0.46
CA LYS A 193 20.12 11.85 -1.70
C LYS A 193 21.24 10.94 -2.17
N LYS A 194 21.77 10.09 -1.29
CA LYS A 194 22.77 9.11 -1.70
C LYS A 194 22.17 7.96 -2.50
N MET A 195 20.85 7.96 -2.71
CA MET A 195 20.19 6.94 -3.48
C MET A 195 19.68 7.54 -4.78
N PRO A 196 20.19 7.12 -5.94
CA PRO A 196 19.71 7.69 -7.21
C PRO A 196 18.37 7.10 -7.63
N LEU A 197 17.26 7.70 -7.16
CA LEU A 197 15.94 7.17 -7.45
C LEU A 197 15.69 7.09 -8.94
N GLU A 198 16.13 8.10 -9.70
CA GLU A 198 15.91 8.09 -11.14
C GLU A 198 16.64 6.94 -11.81
N ASN A 199 17.82 6.56 -11.30
CA ASN A 199 18.51 5.40 -11.83
C ASN A 199 17.69 4.14 -11.62
N TYR A 200 17.07 4.00 -10.45
CA TYR A 200 16.21 2.83 -10.20
C TYR A 200 15.00 2.84 -11.12
N ASP A 201 14.35 3.99 -11.29
CA ASP A 201 13.18 4.08 -12.14
C ASP A 201 13.53 3.79 -13.60
N THR A 202 14.52 4.51 -14.12
CA THR A 202 14.91 4.33 -15.52
C THR A 202 15.33 2.89 -15.79
N PHE A 203 15.96 2.23 -14.81
CA PHE A 203 16.41 0.87 -15.02
C PHE A 203 15.23 -0.09 -15.17
N ILE A 204 14.26 -0.02 -14.26
CA ILE A 204 13.19 -1.01 -14.25
C ILE A 204 12.24 -0.79 -15.42
N LYS A 205 12.05 0.45 -15.87
CA LYS A 205 11.17 0.68 -17.00
C LYS A 205 11.80 0.19 -18.29
N GLN A 206 13.10 0.43 -18.47
CA GLN A 206 13.79 -0.13 -19.63
C GLN A 206 13.86 -1.65 -19.55
N PHE A 207 14.09 -2.18 -18.34
CA PHE A 207 14.15 -3.62 -18.18
C PHE A 207 12.81 -4.27 -18.45
N LYS A 208 11.72 -3.66 -17.96
CA LYS A 208 10.39 -4.22 -18.19
C LYS A 208 10.06 -4.22 -19.68
N ASN A 209 10.49 -3.18 -20.40
CA ASN A 209 10.25 -3.14 -21.84
C ASN A 209 11.05 -4.21 -22.56
N SER A 210 12.31 -4.42 -22.17
CA SER A 210 13.10 -5.49 -22.76
C SER A 210 12.48 -6.84 -22.45
N TYR A 211 11.92 -7.00 -21.25
CA TYR A 211 11.25 -8.24 -20.88
C TYR A 211 10.07 -8.51 -21.81
N LEU A 212 9.21 -7.51 -22.01
CA LEU A 212 8.07 -7.69 -22.90
C LEU A 212 8.51 -8.00 -24.33
N SER A 213 9.61 -7.40 -24.78
CA SER A 213 10.11 -7.69 -26.12
C SER A 213 10.61 -9.11 -26.23
N TYR A 214 11.30 -9.60 -25.20
CA TYR A 214 11.75 -11.00 -25.19
C TYR A 214 10.56 -11.94 -25.33
N VAL A 215 9.49 -11.70 -24.57
CA VAL A 215 8.31 -12.55 -24.63
C VAL A 215 7.70 -12.50 -26.02
N ASP A 216 7.56 -11.30 -26.59
CA ASP A 216 7.00 -11.17 -27.93
C ASP A 216 7.89 -11.84 -28.98
N LEU A 217 9.20 -11.76 -28.80
CA LEU A 217 10.11 -12.38 -29.76
C LEU A 217 9.96 -13.89 -29.75
N ILE A 218 9.78 -14.48 -28.57
CA ILE A 218 9.62 -15.92 -28.47
C ILE A 218 8.30 -16.35 -29.10
N ARG A 219 7.25 -15.54 -28.94
CA ARG A 219 5.96 -15.88 -29.54
C ARG A 219 6.06 -15.97 -31.07
N LYS A 220 6.83 -15.06 -31.67
CA LYS A 220 7.02 -15.12 -33.12
C LYS A 220 8.00 -16.21 -33.53
N ILE A 221 8.98 -16.53 -32.67
CA ILE A 221 10.00 -17.49 -33.04
C ILE A 221 9.49 -18.92 -32.95
N GLU A 222 8.72 -19.23 -31.89
CA GLU A 222 8.33 -20.62 -31.65
C GLU A 222 7.45 -21.16 -32.77
N LYS A 223 6.78 -20.28 -33.51
CA LYS A 223 5.99 -20.72 -34.67
C LYS A 223 6.87 -21.21 -35.82
N GLN A 224 8.17 -20.92 -35.79
CA GLN A 224 9.04 -21.18 -36.92
C GLN A 224 9.96 -22.37 -36.74
N ILE A 225 10.13 -22.90 -35.52
CA ILE A 225 11.08 -23.97 -35.26
C ILE A 225 10.52 -24.93 -34.22
N ASP A 226 11.04 -26.15 -34.25
CA ASP A 226 10.81 -27.15 -33.20
C ASP A 226 12.10 -27.27 -32.40
N ASP A 227 12.25 -26.40 -31.40
CA ASP A 227 13.36 -26.45 -30.45
C ASP A 227 12.77 -26.43 -29.06
N PRO A 228 12.09 -27.52 -28.65
CA PRO A 228 11.31 -27.45 -27.41
C PRO A 228 12.17 -27.32 -26.17
N ILE A 229 13.30 -28.01 -26.10
CA ILE A 229 14.14 -27.94 -24.90
C ILE A 229 14.62 -26.51 -24.68
N THR A 230 15.17 -25.88 -25.71
CA THR A 230 15.65 -24.51 -25.58
C THR A 230 14.50 -23.54 -25.30
N LEU A 231 13.38 -23.68 -26.02
CA LEU A 231 12.26 -22.76 -25.85
C LEU A 231 11.67 -22.85 -24.45
N ASN A 232 11.58 -24.06 -23.90
CA ASN A 232 11.06 -24.22 -22.54
C ASN A 232 11.95 -23.51 -21.53
N ALA A 233 13.26 -23.60 -21.70
CA ALA A 233 14.17 -22.96 -20.77
C ALA A 233 14.03 -21.44 -20.82
N ILE A 234 13.94 -20.87 -22.03
CA ILE A 234 13.75 -19.43 -22.15
C ILE A 234 12.46 -19.00 -21.46
N LYS A 235 11.37 -19.72 -21.72
CA LYS A 235 10.08 -19.35 -21.13
C LYS A 235 10.12 -19.40 -19.62
N PHE A 236 10.86 -20.35 -19.03
CA PHE A 236 10.96 -20.43 -17.59
C PHE A 236 11.75 -19.26 -17.03
N VAL A 237 12.90 -18.94 -17.63
CA VAL A 237 13.70 -17.82 -17.17
C VAL A 237 12.91 -16.52 -17.28
N LEU A 238 12.16 -16.35 -18.37
CA LEU A 238 11.31 -15.17 -18.49
C LEU A 238 10.20 -15.20 -17.46
N LYS A 239 9.66 -16.38 -17.16
CA LYS A 239 8.66 -16.50 -16.10
C LYS A 239 9.22 -16.01 -14.77
N GLU A 240 10.44 -16.44 -14.42
CA GLU A 240 11.07 -15.94 -13.21
C GLU A 240 11.41 -14.45 -13.30
N MET A 241 11.79 -13.99 -14.49
CA MET A 241 12.06 -12.57 -14.67
C MET A 241 10.84 -11.73 -14.33
N GLY A 242 9.64 -12.20 -14.72
CA GLY A 242 8.43 -11.46 -14.41
C GLY A 242 8.19 -11.33 -12.92
N TYR A 243 8.42 -12.40 -12.16
CA TYR A 243 8.28 -12.35 -10.71
C TYR A 243 9.27 -11.35 -10.10
N ILE A 244 10.52 -11.37 -10.57
CA ILE A 244 11.51 -10.50 -9.97
C ILE A 244 11.24 -9.04 -10.32
N ILE A 245 10.72 -8.78 -11.52
CA ILE A 245 10.32 -7.41 -11.89
C ILE A 245 9.26 -6.89 -10.95
N ASP A 246 8.23 -7.70 -10.66
CA ASP A 246 7.19 -7.27 -9.73
C ASP A 246 7.75 -7.00 -8.35
N ARG A 247 8.73 -7.80 -7.91
CA ARG A 247 9.38 -7.53 -6.63
C ARG A 247 10.12 -6.20 -6.65
N PHE A 248 10.87 -5.93 -7.73
CA PHE A 248 11.56 -4.66 -7.85
C PHE A 248 10.58 -3.50 -7.78
N GLU A 249 9.45 -3.61 -8.48
CA GLU A 249 8.45 -2.55 -8.47
C GLU A 249 7.84 -2.37 -7.08
N TYR A 250 7.57 -3.47 -6.38
CA TYR A 250 7.02 -3.37 -5.03
C TYR A 250 7.96 -2.60 -4.11
N HIS A 251 9.23 -3.00 -4.06
CA HIS A 251 10.16 -2.38 -3.12
C HIS A 251 10.54 -0.97 -3.55
N LEU A 252 10.50 -0.69 -4.86
CA LEU A 252 10.75 0.68 -5.31
C LEU A 252 9.62 1.61 -4.88
N GLN A 253 8.37 1.15 -4.97
CA GLN A 253 7.25 1.98 -4.54
CA GLN A 253 7.25 1.98 -4.54
C GLN A 253 7.33 2.29 -3.05
N LYS A 254 7.71 1.31 -2.24
CA LYS A 254 7.80 1.54 -0.80
C LYS A 254 8.88 2.55 -0.44
N VAL A 255 10.05 2.45 -1.07
CA VAL A 255 11.13 3.36 -0.72
C VAL A 255 10.83 4.78 -1.22
N LYS A 256 10.11 4.91 -2.33
CA LYS A 256 9.74 6.25 -2.81
C LYS A 256 8.69 6.88 -1.91
N HIS A 257 7.70 6.09 -1.49
CA HIS A 257 6.73 6.58 -0.52
C HIS A 257 7.42 7.07 0.75
N ALA A 258 8.37 6.30 1.27
CA ALA A 258 9.05 6.67 2.51
C ALA A 258 9.82 7.98 2.35
N ILE A 259 10.51 8.14 1.22
CA ILE A 259 11.26 9.37 0.99
C ILE A 259 10.30 10.55 0.81
N ASP A 260 9.19 10.34 0.11
CA ASP A 260 8.23 11.42 -0.11
C ASP A 260 7.57 11.85 1.20
N GLN A 261 7.26 10.89 2.07
CA GLN A 261 6.65 11.22 3.35
C GLN A 261 7.61 12.03 4.23
N VAL A 262 8.86 11.57 4.35
CA VAL A 262 9.83 12.29 5.16
C VAL A 262 10.20 13.62 4.53
N THR A 263 10.22 13.69 3.20
CA THR A 263 10.48 14.98 2.54
C THR A 263 9.31 15.94 2.74
N ALA A 264 8.08 15.43 2.76
CA ALA A 264 6.93 16.29 2.99
C ALA A 264 6.94 16.88 4.40
N LEU A 265 7.47 16.13 5.37
CA LEU A 265 7.60 16.69 6.72
C LEU A 265 8.59 17.84 6.74
N ALA A 266 9.66 17.75 5.96
CA ALA A 266 10.69 18.79 6.00
C ALA A 266 10.22 20.07 5.32
N ASP A 267 9.35 19.96 4.32
CA ASP A 267 8.85 21.10 3.58
C ASP A 267 7.67 21.79 4.25
N GLY A 268 7.21 21.28 5.40
CA GLY A 268 6.06 21.80 6.07
C GLY A 268 6.38 22.63 7.30
N VAL A 269 5.33 23.01 8.03
CA VAL A 269 5.49 23.78 9.25
C VAL A 269 6.20 22.93 10.31
N LYS A 270 7.09 23.58 11.07
CA LYS A 270 7.93 22.89 12.05
C LYS A 270 7.63 23.41 13.45
N PRO A 271 6.63 22.86 14.13
CA PRO A 271 6.40 23.22 15.55
C PRO A 271 7.60 22.83 16.40
N LYS A 272 7.85 23.66 17.43
CA LYS A 272 8.98 23.44 18.32
C LYS A 272 8.66 22.55 19.50
N GLN A 273 7.41 22.55 19.97
CA GLN A 273 7.00 21.72 21.09
C GLN A 273 5.66 21.06 20.76
N VAL A 274 5.53 19.79 21.12
CA VAL A 274 4.30 19.03 20.91
C VAL A 274 3.97 18.27 22.18
N THR A 275 2.86 17.56 22.15
CA THR A 275 2.50 16.71 23.27
C THR A 275 3.31 15.42 23.23
N LYS A 276 3.31 14.70 24.36
CA LYS A 276 4.10 13.48 24.44
C LYS A 276 3.56 12.41 23.49
N ASN A 277 2.24 12.26 23.43
CA ASN A 277 1.67 11.30 22.48
C ASN A 277 1.96 11.70 21.04
N GLU A 278 2.04 12.99 20.76
CA GLU A 278 2.42 13.43 19.42
C GLU A 278 3.89 13.13 19.15
N LEU A 279 4.75 13.27 20.16
CA LEU A 279 6.16 12.97 19.98
C LEU A 279 6.39 11.49 19.77
N LYS A 280 5.61 10.64 20.46
CA LYS A 280 5.68 9.20 20.22
C LYS A 280 5.42 8.88 18.76
N GLU A 281 4.31 9.41 18.22
CA GLU A 281 3.99 9.17 16.81
C GLU A 281 5.03 9.78 15.89
N TYR A 282 5.67 10.88 16.31
CA TYR A 282 6.74 11.46 15.50
C TYR A 282 7.90 10.48 15.35
N TYR A 283 8.35 9.91 16.48
CA TYR A 283 9.49 8.98 16.43
C TYR A 283 9.14 7.71 15.67
N PHE A 284 7.93 7.18 15.86
CA PHE A 284 7.52 5.99 15.13
C PHE A 284 7.37 6.27 13.64
N ASN A 285 6.98 7.49 13.27
CA ASN A 285 6.73 7.80 11.87
C ASN A 285 8.03 7.86 11.08
N ILE A 286 8.98 8.71 11.50
CA ILE A 286 10.23 8.83 10.76
C ILE A 286 11.11 7.60 10.96
N GLY A 287 11.00 6.94 12.13
CA GLY A 287 11.83 5.77 12.37
C GLY A 287 11.49 4.62 11.45
N ASN A 288 10.20 4.36 11.24
CA ASN A 288 9.80 3.27 10.34
C ASN A 288 10.01 3.66 8.88
N TYR A 289 9.88 4.94 8.54
CA TYR A 289 10.10 5.35 7.16
C TYR A 289 11.57 5.27 6.80
N TYR A 290 12.47 5.67 7.71
CA TYR A 290 13.88 5.50 7.44
C TYR A 290 14.27 4.03 7.41
N ALA A 291 13.63 3.20 8.25
CA ALA A 291 13.89 1.77 8.22
C ALA A 291 13.48 1.17 6.89
N ILE A 292 12.33 1.60 6.35
CA ILE A 292 11.91 1.14 5.03
C ILE A 292 12.91 1.57 3.96
N PHE A 293 13.46 2.78 4.11
CA PHE A 293 14.47 3.26 3.16
C PHE A 293 15.72 2.39 3.20
N LYS A 294 16.27 2.15 4.38
CA LYS A 294 17.47 1.32 4.49
C LYS A 294 17.20 -0.08 3.98
N PHE A 295 16.07 -0.66 4.37
CA PHE A 295 15.74 -2.04 4.01
C PHE A 295 15.56 -2.19 2.51
N ALA A 296 14.79 -1.29 1.89
CA ALA A 296 14.46 -1.44 0.47
C ALA A 296 15.68 -1.22 -0.42
N LYS A 297 16.62 -0.37 0.01
CA LYS A 297 17.82 -0.14 -0.78
C LYS A 297 18.59 -1.43 -1.03
N ASP A 298 18.90 -2.16 0.05
CA ASP A 298 19.63 -3.42 -0.09
C ASP A 298 18.80 -4.46 -0.82
N GLN A 299 17.48 -4.43 -0.67
CA GLN A 299 16.63 -5.35 -1.42
C GLN A 299 16.67 -5.05 -2.90
N LEU A 300 16.55 -3.77 -3.27
CA LEU A 300 16.58 -3.40 -4.69
C LEU A 300 17.93 -3.70 -5.33
N ASN A 301 19.01 -3.50 -4.57
CA ASN A 301 20.33 -3.84 -5.10
CA ASN A 301 20.33 -3.84 -5.10
C ASN A 301 20.45 -5.33 -5.38
N MET A 302 19.90 -6.17 -4.49
CA MET A 302 19.89 -7.60 -4.74
C MET A 302 19.00 -7.95 -5.94
N LEU A 303 17.83 -7.32 -6.04
CA LEU A 303 16.93 -7.59 -7.14
C LEU A 303 17.50 -7.08 -8.47
N ASN A 304 18.23 -5.98 -8.43
CA ASN A 304 18.90 -5.49 -9.63
C ASN A 304 19.89 -6.51 -10.16
N LYS A 305 20.72 -7.07 -9.27
CA LYS A 305 21.69 -8.08 -9.70
C LYS A 305 20.98 -9.32 -10.23
N ALA A 306 19.88 -9.73 -9.59
CA ALA A 306 19.17 -10.92 -10.02
C ALA A 306 18.58 -10.74 -11.41
N LEU A 307 17.99 -9.56 -11.69
CA LEU A 307 17.43 -9.29 -13.00
C LEU A 307 18.50 -9.32 -14.08
N ILE A 308 19.65 -8.70 -13.82
CA ILE A 308 20.74 -8.69 -14.78
C ILE A 308 21.20 -10.11 -15.08
N HIS A 309 21.32 -10.93 -14.03
CA HIS A 309 21.80 -12.30 -14.23
C HIS A 309 20.80 -13.12 -15.03
N LYS A 310 19.51 -12.97 -14.75
CA LYS A 310 18.49 -13.65 -15.57
C LYS A 310 18.56 -13.20 -17.02
N GLU A 311 18.86 -11.92 -17.26
CA GLU A 311 18.94 -11.42 -18.64
C GLU A 311 20.13 -12.02 -19.39
N LYS A 312 21.26 -12.22 -18.72
CA LYS A 312 22.39 -12.88 -19.36
C LYS A 312 22.02 -14.29 -19.80
N ILE A 313 21.27 -15.01 -18.96
CA ILE A 313 20.82 -16.34 -19.34
C ILE A 313 19.94 -16.28 -20.58
N VAL A 314 19.02 -15.32 -20.62
CA VAL A 314 18.17 -15.13 -21.80
C VAL A 314 19.01 -14.82 -23.03
N HIS A 315 20.02 -13.98 -22.88
CA HIS A 315 20.90 -13.65 -24.00
C HIS A 315 21.62 -14.90 -24.51
N ASN A 316 22.17 -15.71 -23.60
CA ASN A 316 22.83 -16.94 -24.00
C ASN A 316 21.85 -17.88 -24.68
N LEU A 317 20.66 -18.03 -24.11
CA LEU A 317 19.68 -18.97 -24.67
C LEU A 317 19.19 -18.50 -26.04
N LEU A 318 18.99 -17.19 -26.21
CA LEU A 318 18.63 -16.67 -27.52
C LEU A 318 19.73 -16.94 -28.53
N GLY A 319 20.99 -16.84 -28.10
CA GLY A 319 22.09 -17.17 -29.00
C GLY A 319 22.12 -18.63 -29.36
N GLU A 320 21.85 -19.51 -28.38
CA GLU A 320 21.72 -20.92 -28.67
C GLU A 320 20.51 -21.19 -29.56
N LEU A 321 19.43 -20.42 -29.37
CA LEU A 321 18.23 -20.60 -30.18
C LEU A 321 18.47 -20.17 -31.62
N PHE A 322 19.18 -19.06 -31.83
CA PHE A 322 19.45 -18.61 -33.19
C PHE A 322 20.42 -19.55 -33.91
N GLY A 323 21.33 -20.18 -33.16
CA GLY A 323 22.20 -21.17 -33.78
C GLY A 323 21.44 -22.37 -34.30
N HIS A 324 20.50 -22.89 -33.52
CA HIS A 324 19.67 -24.00 -33.97
C HIS A 324 18.79 -23.59 -35.15
N LEU A 325 18.28 -22.37 -35.11
CA LEU A 325 17.46 -21.87 -36.21
C LEU A 325 18.24 -21.83 -37.52
N GLU A 326 19.56 -21.60 -37.45
CA GLU A 326 20.37 -21.54 -38.65
C GLU A 326 20.52 -22.92 -39.27
N GLU A 327 20.77 -23.95 -38.44
CA GLU A 327 20.95 -25.31 -38.92
C GLU A 327 19.59 -25.97 -39.13
N ARG A 328 18.90 -25.51 -40.17
CA ARG A 328 17.57 -25.98 -40.53
C ARG A 328 16.58 -25.85 -39.37
N SER B 28 -22.09 32.10 11.37
CA SER B 28 -21.43 31.35 10.30
C SER B 28 -21.64 29.85 10.48
N THR B 29 -20.74 29.07 9.88
CA THR B 29 -20.82 27.61 9.95
C THR B 29 -20.28 27.11 11.28
N ASN B 30 -21.07 26.25 11.95
CA ASN B 30 -20.62 25.70 13.23
C ASN B 30 -21.20 24.31 13.49
N THR B 31 -21.76 23.64 12.49
CA THR B 31 -22.42 22.35 12.69
C THR B 31 -22.06 21.44 11.54
N THR B 32 -21.52 20.27 11.86
CA THR B 32 -21.23 19.25 10.86
C THR B 32 -22.53 18.56 10.49
N ASP B 33 -22.97 18.75 9.24
CA ASP B 33 -24.21 18.19 8.75
C ASP B 33 -24.03 16.82 8.12
N ASN B 34 -22.80 16.48 7.72
CA ASN B 34 -22.53 15.25 7.01
C ASN B 34 -21.23 14.64 7.51
N ILE B 35 -21.25 13.36 7.83
CA ILE B 35 -20.05 12.68 8.29
C ILE B 35 -19.71 11.52 7.36
N ASP B 36 -19.80 11.75 6.04
CA ASP B 36 -19.44 10.74 5.06
C ASP B 36 -17.94 10.46 5.01
N TYR B 37 -17.12 11.20 5.74
CA TYR B 37 -15.67 11.07 5.63
C TYR B 37 -15.12 9.83 6.33
N PHE B 38 -15.91 9.14 7.14
CA PHE B 38 -15.44 7.92 7.78
C PHE B 38 -15.44 6.77 6.78
N ASP B 39 -14.33 6.02 6.73
CA ASP B 39 -14.26 4.78 5.97
C ASP B 39 -13.53 3.74 6.81
N ILE B 40 -13.35 2.54 6.24
CA ILE B 40 -12.61 1.48 6.92
C ILE B 40 -12.20 0.45 5.87
N SER B 41 -11.04 -0.15 6.09
CA SER B 41 -10.55 -1.24 5.26
C SER B 41 -10.64 -2.55 6.03
N ASP B 42 -10.67 -3.66 5.30
CA ASP B 42 -10.67 -4.96 5.94
C ASP B 42 -9.29 -5.27 6.50
N GLU B 43 -9.20 -6.38 7.24
CA GLU B 43 -7.96 -6.72 7.94
C GLU B 43 -6.79 -6.92 6.98
N SER B 44 -7.05 -7.38 5.76
CA SER B 44 -5.98 -7.56 4.79
C SER B 44 -5.63 -6.29 4.04
N ASN B 45 -6.39 -5.22 4.24
CA ASN B 45 -6.17 -3.93 3.55
C ASN B 45 -6.26 -4.07 2.04
N TYR B 46 -7.05 -5.02 1.56
CA TYR B 46 -7.34 -5.14 0.14
C TYR B 46 -8.60 -4.40 -0.28
N TYR B 47 -9.62 -4.41 0.58
CA TYR B 47 -10.90 -3.78 0.29
C TYR B 47 -11.11 -2.59 1.23
N LEU B 48 -11.55 -1.46 0.67
CA LEU B 48 -11.92 -0.29 1.44
C LEU B 48 -13.40 0.00 1.27
N ILE B 49 -14.09 0.18 2.39
CA ILE B 49 -15.53 0.41 2.39
C ILE B 49 -15.79 1.90 2.62
N SER B 50 -16.54 2.50 1.70
CA SER B 50 -16.91 3.91 1.78
C SER B 50 -18.41 4.06 1.99
N GLN B 51 -18.80 5.14 2.65
CA GLN B 51 -20.22 5.43 2.85
C GLN B 51 -20.89 5.90 1.57
N LEU B 52 -20.11 6.32 0.58
CA LEU B 52 -20.64 6.73 -0.72
C LEU B 52 -20.76 5.51 -1.62
N ARG B 53 -21.93 5.32 -2.23
CA ARG B 53 -22.05 4.24 -3.19
C ARG B 53 -21.15 4.55 -4.39
N PRO B 54 -20.62 3.52 -5.06
CA PRO B 54 -20.91 2.08 -4.94
C PRO B 54 -20.29 1.38 -3.74
N HIS B 55 -19.69 2.10 -2.79
CA HIS B 55 -19.21 1.58 -1.52
C HIS B 55 -17.93 0.76 -1.64
N PHE B 56 -17.76 0.01 -2.74
CA PHE B 56 -16.48 -0.59 -3.09
C PHE B 56 -16.10 -0.14 -4.48
N SER B 57 -14.81 0.09 -4.69
CA SER B 57 -14.33 0.35 -6.05
C SER B 57 -14.54 -0.85 -6.96
N ASN B 58 -14.65 -2.06 -6.38
CA ASN B 58 -14.76 -3.27 -7.20
C ASN B 58 -16.05 -3.29 -8.01
N ILE B 59 -17.09 -2.58 -7.55
CA ILE B 59 -18.32 -2.47 -8.32
C ILE B 59 -18.04 -1.80 -9.66
N TYR B 60 -17.22 -0.74 -9.67
CA TYR B 60 -16.88 -0.07 -10.91
C TYR B 60 -16.13 -0.98 -11.86
N PHE B 61 -15.30 -1.88 -11.33
CA PHE B 61 -14.63 -2.86 -12.18
C PHE B 61 -15.66 -3.78 -12.84
N PHE B 62 -16.64 -4.26 -12.07
CA PHE B 62 -17.70 -5.06 -12.67
C PHE B 62 -18.49 -4.27 -13.70
N ASP B 63 -18.63 -2.96 -13.51
CA ASP B 63 -19.25 -2.13 -14.54
C ASP B 63 -18.34 -2.00 -15.75
N GLU B 64 -17.02 -1.92 -15.53
CA GLU B 64 -16.10 -1.78 -16.65
C GLU B 64 -16.01 -3.07 -17.46
N PHE B 65 -16.08 -4.23 -16.79
CA PHE B 65 -16.03 -5.49 -17.52
C PHE B 65 -17.26 -5.66 -18.39
N LYS B 66 -18.40 -5.10 -17.98
CA LYS B 66 -19.57 -5.04 -18.85
C LYS B 66 -19.23 -4.35 -20.16
N ARG B 67 -18.38 -3.33 -20.11
CA ARG B 67 -17.92 -2.67 -21.33
C ARG B 67 -16.94 -3.56 -22.10
N TYR B 68 -16.05 -4.26 -21.38
CA TYR B 68 -15.12 -5.17 -22.04
C TYR B 68 -15.87 -6.32 -22.70
N ALA B 69 -16.82 -6.92 -21.98
CA ALA B 69 -17.50 -8.11 -22.48
C ALA B 69 -18.35 -7.83 -23.71
N SER B 70 -18.76 -6.58 -23.93
CA SER B 70 -19.59 -6.27 -25.09
C SER B 70 -18.83 -6.40 -26.41
N TYR B 71 -17.50 -6.43 -26.37
CA TYR B 71 -16.69 -6.58 -27.57
C TYR B 71 -16.31 -8.02 -27.86
N HIS B 72 -16.74 -8.96 -27.01
CA HIS B 72 -16.49 -10.38 -27.20
C HIS B 72 -17.83 -11.11 -27.19
N THR B 73 -18.27 -11.57 -28.36
CA THR B 73 -19.55 -12.27 -28.45
C THR B 73 -19.53 -13.61 -27.71
N GLU B 74 -18.34 -14.16 -27.46
CA GLU B 74 -18.23 -15.43 -26.75
C GLU B 74 -18.63 -15.35 -25.29
N ILE B 75 -18.74 -14.15 -24.72
CA ILE B 75 -19.01 -13.98 -23.30
C ILE B 75 -20.18 -13.04 -23.09
N LYS B 76 -21.21 -13.16 -23.93
CA LYS B 76 -22.38 -12.30 -23.81
C LYS B 76 -23.23 -12.61 -22.59
N ARG B 77 -23.00 -13.74 -21.93
CA ARG B 77 -23.75 -14.10 -20.74
C ARG B 77 -23.47 -13.19 -19.56
N TYR B 78 -22.36 -12.45 -19.58
CA TYR B 78 -22.07 -11.52 -18.49
C TYR B 78 -23.13 -10.44 -18.36
N GLU B 79 -23.87 -10.14 -19.43
CA GLU B 79 -24.95 -9.17 -19.33
C GLU B 79 -25.95 -9.59 -18.26
N ASP B 80 -26.16 -10.89 -18.09
CA ASP B 80 -27.07 -11.38 -17.06
C ASP B 80 -26.37 -11.43 -15.70
N ILE B 81 -25.08 -11.80 -15.68
CA ILE B 81 -24.33 -11.78 -14.44
C ILE B 81 -24.31 -10.37 -13.86
N HIS B 82 -24.21 -9.37 -14.71
CA HIS B 82 -24.18 -7.98 -14.23
C HIS B 82 -25.55 -7.57 -13.70
N LYS B 83 -26.61 -7.89 -14.45
CA LYS B 83 -27.95 -7.52 -14.02
C LYS B 83 -28.32 -8.19 -12.70
N THR B 84 -27.91 -9.44 -12.51
CA THR B 84 -28.30 -10.20 -11.32
C THR B 84 -27.24 -10.09 -10.22
N LYS B 85 -26.05 -10.63 -10.45
CA LYS B 85 -25.05 -10.72 -9.39
C LYS B 85 -24.51 -9.35 -9.02
N VAL B 86 -24.15 -8.53 -10.02
CA VAL B 86 -23.44 -7.29 -9.75
C VAL B 86 -24.37 -6.25 -9.13
N ASN B 87 -25.56 -6.08 -9.72
CA ASN B 87 -26.51 -5.13 -9.17
C ASN B 87 -26.92 -5.51 -7.76
N SER B 88 -27.14 -6.81 -7.51
CA SER B 88 -27.52 -7.26 -6.18
C SER B 88 -26.43 -6.98 -5.16
N LEU B 89 -25.17 -7.19 -5.55
CA LEU B 89 -24.05 -6.88 -4.66
C LEU B 89 -24.02 -5.41 -4.30
N LEU B 90 -24.28 -4.52 -5.28
CA LEU B 90 -24.34 -3.09 -5.00
C LEU B 90 -25.44 -2.78 -4.00
N ASN B 91 -26.65 -3.31 -4.23
CA ASN B 91 -27.75 -3.03 -3.32
C ASN B 91 -27.54 -3.66 -1.95
N GLU B 92 -26.92 -4.84 -1.90
CA GLU B 92 -26.58 -5.43 -0.61
C GLU B 92 -25.56 -4.58 0.14
N ALA B 93 -24.62 -3.98 -0.59
CA ALA B 93 -23.67 -3.07 0.04
C ALA B 93 -24.38 -1.81 0.54
N SER B 94 -25.29 -1.26 -0.27
CA SER B 94 -26.08 -0.13 0.18
C SER B 94 -26.94 -0.51 1.39
N ARG B 95 -27.48 -1.73 1.39
CA ARG B 95 -28.27 -2.18 2.52
C ARG B 95 -27.42 -2.28 3.78
N ALA B 96 -26.19 -2.81 3.65
CA ALA B 96 -25.30 -2.92 4.80
C ALA B 96 -25.00 -1.55 5.40
N ILE B 97 -24.69 -0.57 4.55
CA ILE B 97 -24.44 0.79 5.03
C ILE B 97 -25.67 1.34 5.73
N GLY B 98 -26.87 1.01 5.22
CA GLY B 98 -28.09 1.48 5.84
C GLY B 98 -28.38 0.85 7.18
N ILE B 99 -27.81 -0.33 7.45
CA ILE B 99 -27.99 -0.98 8.75
C ILE B 99 -27.25 -0.21 9.83
N CYS B 100 -26.12 0.41 9.49
CA CYS B 100 -25.33 1.19 10.43
C CYS B 100 -25.81 2.63 10.56
N ASN B 101 -27.01 2.94 10.05
CA ASN B 101 -27.40 4.35 9.96
C ASN B 101 -27.76 4.94 11.32
N ARG B 102 -28.24 4.13 12.25
CA ARG B 102 -28.57 4.67 13.56
C ARG B 102 -27.33 4.89 14.42
N LEU B 103 -26.32 4.04 14.26
CA LEU B 103 -25.01 4.35 14.84
C LEU B 103 -24.45 5.63 14.25
N LYS B 104 -24.65 5.83 12.93
CA LYS B 104 -24.18 7.04 12.28
C LYS B 104 -24.84 8.28 12.88
N ASN B 105 -26.16 8.24 13.09
CA ASN B 105 -26.86 9.39 13.63
C ASN B 105 -26.44 9.65 15.07
N THR B 106 -26.25 8.59 15.86
CA THR B 106 -25.76 8.78 17.23
C THR B 106 -24.38 9.42 17.24
N LEU B 107 -23.48 8.96 16.35
CA LEU B 107 -22.15 9.54 16.27
C LEU B 107 -22.20 10.99 15.83
N LYS B 108 -23.02 11.30 14.82
CA LYS B 108 -23.16 12.69 14.37
C LYS B 108 -23.72 13.57 15.48
N GLY B 109 -24.64 13.04 16.28
CA GLY B 109 -25.16 13.80 17.40
C GLY B 109 -24.09 14.14 18.43
N LEU B 110 -23.17 13.20 18.67
CA LEU B 110 -22.05 13.48 19.57
C LEU B 110 -21.10 14.50 18.97
N ILE B 111 -20.79 14.35 17.68
CA ILE B 111 -19.91 15.31 17.01
C ILE B 111 -20.50 16.72 17.10
N ASN B 112 -21.81 16.85 16.87
CA ASN B 112 -22.43 18.17 16.88
C ASN B 112 -22.36 18.82 18.25
N ILE B 113 -22.44 18.03 19.32
CA ILE B 113 -22.32 18.58 20.67
C ILE B 113 -20.86 18.95 20.96
N LEU B 114 -19.94 18.03 20.66
CA LEU B 114 -18.54 18.24 21.00
C LEU B 114 -17.92 19.40 20.23
N GLU B 115 -18.40 19.66 19.01
CA GLU B 115 -17.80 20.71 18.19
C GLU B 115 -18.43 22.08 18.42
N ASN B 116 -19.59 22.14 19.07
CA ASN B 116 -20.35 23.38 19.20
C ASN B 116 -20.53 23.74 20.67
N PRO B 117 -19.80 24.74 21.17
CA PRO B 117 -19.96 25.11 22.59
C PRO B 117 -21.38 25.47 22.98
N GLN B 118 -22.11 26.15 22.09
CA GLN B 118 -23.50 26.50 22.39
CA GLN B 118 -23.50 26.49 22.40
C GLN B 118 -24.35 25.24 22.58
N LYS B 119 -24.13 24.22 21.76
CA LYS B 119 -24.90 23.00 21.91
C LYS B 119 -24.47 22.20 23.13
N PHE B 120 -23.18 22.24 23.46
CA PHE B 120 -22.71 21.57 24.67
C PHE B 120 -23.35 22.15 25.91
N LYS B 121 -23.59 23.47 25.93
CA LYS B 121 -24.16 24.13 27.10
C LYS B 121 -25.62 23.76 27.35
N THR B 122 -26.31 23.16 26.39
CA THR B 122 -27.72 22.82 26.55
C THR B 122 -27.95 21.43 27.15
N GLN B 123 -26.89 20.67 27.39
CA GLN B 123 -26.99 19.35 28.00
C GLN B 123 -26.13 19.32 29.27
N ARG B 124 -26.14 18.19 29.97
CA ARG B 124 -25.58 18.09 31.31
C ARG B 124 -24.38 17.16 31.44
N GLU B 125 -24.04 16.39 30.41
CA GLU B 125 -22.89 15.50 30.52
C GLU B 125 -21.59 16.29 30.45
N SER B 126 -20.53 15.72 31.02
CA SER B 126 -19.24 16.38 31.01
C SER B 126 -18.52 16.09 29.69
N TYR B 127 -17.58 16.99 29.35
CA TYR B 127 -16.88 16.87 28.08
C TYR B 127 -16.03 15.61 28.02
N ASP B 128 -15.47 15.17 29.16
CA ASP B 128 -14.69 13.94 29.16
C ASP B 128 -15.57 12.73 28.86
N VAL B 129 -16.77 12.69 29.44
CA VAL B 129 -17.68 11.57 29.18
C VAL B 129 -18.09 11.54 27.72
N LEU B 130 -18.44 12.69 27.16
CA LEU B 130 -18.84 12.74 25.76
C LEU B 130 -17.69 12.38 24.83
N LEU B 131 -16.45 12.72 25.21
CA LEU B 131 -15.31 12.37 24.39
C LEU B 131 -15.09 10.86 24.35
N ARG B 132 -15.26 10.17 25.49
CA ARG B 132 -15.10 8.72 25.50
C ARG B 132 -16.21 8.04 24.72
N GLN B 133 -17.46 8.54 24.86
CA GLN B 133 -18.54 8.01 24.05
C GLN B 133 -18.30 8.24 22.57
N TYR B 134 -17.62 9.33 22.21
CA TYR B 134 -17.33 9.58 20.81
C TYR B 134 -16.38 8.52 20.25
N GLU B 135 -15.31 8.21 20.98
CA GLU B 135 -14.38 7.19 20.50
C GLU B 135 -15.05 5.82 20.43
N GLU B 136 -15.93 5.52 21.38
CA GLU B 136 -16.61 4.23 21.38
C GLU B 136 -17.60 4.13 20.22
N LYS B 137 -18.37 5.20 19.98
CA LYS B 137 -19.31 5.19 18.87
C LYS B 137 -18.61 5.27 17.53
N LYS B 138 -17.47 5.96 17.46
CA LYS B 138 -16.72 6.02 16.22
C LYS B 138 -16.24 4.64 15.79
N GLU B 139 -15.66 3.89 16.72
CA GLU B 139 -15.18 2.55 16.38
C GLU B 139 -16.34 1.58 16.18
N ALA B 140 -17.44 1.76 16.91
CA ALA B 140 -18.61 0.92 16.69
C ALA B 140 -19.19 1.15 15.30
N PHE B 141 -19.26 2.41 14.87
CA PHE B 141 -19.81 2.71 13.55
C PHE B 141 -18.91 2.18 12.44
N ARG B 142 -17.60 2.45 12.53
CA ARG B 142 -16.66 1.93 11.54
C ARG B 142 -16.63 0.40 11.57
N GLY B 143 -16.68 -0.19 12.77
CA GLY B 143 -16.75 -1.64 12.85
C GLY B 143 -18.00 -2.20 12.19
N CYS B 144 -19.11 -1.47 12.32
CA CYS B 144 -20.36 -1.90 11.69
C CYS B 144 -20.25 -1.88 10.17
N LEU B 145 -19.64 -0.83 9.62
CA LEU B 145 -19.47 -0.74 8.17
C LEU B 145 -18.74 -1.96 7.62
N LEU B 146 -17.76 -2.47 8.36
CA LEU B 146 -16.98 -3.61 7.88
C LEU B 146 -17.72 -4.92 8.13
N ASN B 147 -18.22 -5.11 9.36
CA ASN B 147 -18.85 -6.39 9.71
C ASN B 147 -20.06 -6.67 8.84
N LYS B 148 -20.92 -5.67 8.63
CA LYS B 148 -22.11 -5.90 7.83
C LYS B 148 -21.81 -6.11 6.35
N ASN B 149 -20.56 -5.87 5.92
CA ASN B 149 -20.17 -6.02 4.53
C ASN B 149 -19.25 -7.21 4.27
N ARG B 150 -18.95 -8.02 5.29
CA ARG B 150 -17.98 -9.10 5.12
C ARG B 150 -18.45 -10.10 4.08
N LYS B 151 -19.72 -10.51 4.15
CA LYS B 151 -20.24 -11.44 3.16
C LYS B 151 -20.27 -10.82 1.77
N ASN B 152 -20.52 -9.52 1.68
CA ASN B 152 -20.40 -8.83 0.40
C ASN B 152 -18.97 -8.88 -0.13
N LEU B 153 -17.99 -8.76 0.77
CA LEU B 153 -16.59 -8.85 0.34
C LEU B 153 -16.27 -10.21 -0.25
N ASP B 154 -16.78 -11.28 0.37
CA ASP B 154 -16.62 -12.61 -0.19
C ASP B 154 -17.29 -12.73 -1.56
N GLN B 155 -18.40 -12.04 -1.75
CA GLN B 155 -19.08 -12.08 -3.05
C GLN B 155 -18.24 -11.42 -4.14
N ILE B 156 -17.39 -10.46 -3.76
CA ILE B 156 -16.50 -9.83 -4.73
C ILE B 156 -15.58 -10.87 -5.35
N LYS B 157 -15.01 -11.76 -4.51
CA LYS B 157 -14.13 -12.80 -5.03
C LYS B 157 -14.89 -13.77 -5.90
N LYS B 158 -16.10 -14.15 -5.50
CA LYS B 158 -16.87 -15.13 -6.27
C LYS B 158 -17.24 -14.59 -7.64
N ILE B 159 -17.64 -13.32 -7.72
CA ILE B 159 -17.93 -12.73 -9.02
C ILE B 159 -16.65 -12.57 -9.83
N ASN B 160 -15.53 -12.29 -9.16
CA ASN B 160 -14.25 -12.26 -9.85
C ASN B 160 -13.92 -13.63 -10.45
N ASN B 161 -14.04 -14.69 -9.65
CA ASN B 161 -13.76 -16.03 -10.15
C ASN B 161 -14.76 -16.42 -11.24
N GLU B 162 -16.02 -16.00 -11.10
CA GLU B 162 -17.00 -16.28 -12.14
C GLU B 162 -16.65 -15.56 -13.43
N ILE B 163 -16.03 -14.39 -13.34
CA ILE B 163 -15.62 -13.65 -14.53
C ILE B 163 -14.44 -14.33 -15.21
N ARG B 164 -13.48 -14.84 -14.42
CA ARG B 164 -12.34 -15.54 -15.00
CA ARG B 164 -12.34 -15.55 -14.99
C ARG B 164 -12.79 -16.81 -15.72
N ASP B 165 -13.70 -17.57 -15.11
CA ASP B 165 -14.21 -18.78 -15.76
C ASP B 165 -15.01 -18.44 -17.01
N LEU B 166 -15.72 -17.31 -17.01
CA LEU B 166 -16.43 -16.88 -18.21
C LEU B 166 -15.45 -16.51 -19.32
N LEU B 167 -14.34 -15.87 -18.97
CA LEU B 167 -13.35 -15.46 -19.96
C LEU B 167 -12.73 -16.65 -20.69
N GLU B 168 -12.81 -17.86 -20.14
CA GLU B 168 -12.24 -19.02 -20.82
C GLU B 168 -13.01 -19.39 -22.08
N LYS B 169 -14.23 -18.88 -22.24
CA LYS B 169 -15.03 -19.21 -23.42
C LYS B 169 -14.65 -18.41 -24.65
N LEU B 170 -13.58 -17.62 -24.58
CA LEU B 170 -13.10 -16.90 -25.75
C LEU B 170 -12.48 -17.87 -26.75
N LYS B 171 -12.75 -17.60 -28.04
CA LYS B 171 -12.22 -18.43 -29.13
C LYS B 171 -10.81 -18.00 -29.52
N CYS B 172 -9.91 -18.10 -28.55
CA CYS B 172 -8.49 -17.81 -28.73
C CYS B 172 -7.77 -18.51 -27.59
N SER B 173 -6.47 -18.71 -27.75
CA SER B 173 -5.74 -19.43 -26.71
C SER B 173 -4.32 -18.92 -26.57
N GLN B 174 -3.58 -18.89 -27.67
CA GLN B 174 -2.25 -18.31 -27.69
C GLN B 174 -2.14 -17.11 -28.61
N ASP B 175 -3.23 -16.73 -29.28
CA ASP B 175 -3.27 -15.64 -30.24
C ASP B 175 -4.42 -14.69 -29.92
N CYS B 176 -4.64 -14.43 -28.64
CA CYS B 176 -5.74 -13.55 -28.24
C CYS B 176 -5.39 -12.10 -28.55
N GLN B 177 -6.29 -11.44 -29.27
CA GLN B 177 -6.08 -10.04 -29.65
C GLN B 177 -6.08 -9.14 -28.43
N THR B 178 -5.29 -8.07 -28.50
CA THR B 178 -5.20 -7.08 -27.44
C THR B 178 -5.74 -5.72 -27.87
N ASN B 179 -6.47 -5.67 -28.99
CA ASN B 179 -6.98 -4.39 -29.48
C ASN B 179 -7.95 -3.76 -28.48
N VAL B 180 -8.86 -4.56 -27.92
CA VAL B 180 -9.80 -4.04 -26.92
C VAL B 180 -9.05 -3.55 -25.69
N TYR B 181 -8.02 -4.30 -25.27
CA TYR B 181 -7.22 -3.90 -24.12
C TYR B 181 -6.53 -2.56 -24.37
N TRP B 182 -5.93 -2.39 -25.54
CA TRP B 182 -5.22 -1.14 -25.83
C TRP B 182 -6.16 0.00 -26.18
N ASP B 183 -7.36 -0.28 -26.70
CA ASP B 183 -8.32 0.79 -26.93
C ASP B 183 -8.78 1.41 -25.62
N MET B 184 -8.96 0.60 -24.57
CA MET B 184 -9.44 1.13 -23.30
C MET B 184 -8.36 1.96 -22.59
N ILE B 185 -7.09 1.58 -22.71
CA ILE B 185 -6.02 2.35 -22.08
C ILE B 185 -5.99 3.77 -22.65
N LYS B 186 -6.15 3.90 -23.97
CA LYS B 186 -6.19 5.23 -24.57
C LYS B 186 -7.40 6.02 -24.06
N ILE B 187 -8.53 5.35 -23.90
CA ILE B 187 -9.73 6.01 -23.40
C ILE B 187 -9.54 6.43 -21.93
N TYR B 188 -8.86 5.59 -21.15
CA TYR B 188 -8.64 5.93 -19.75
C TYR B 188 -7.69 7.10 -19.59
N LEU B 189 -6.77 7.30 -20.53
CA LEU B 189 -5.78 8.36 -20.40
C LEU B 189 -6.40 9.74 -20.57
N VAL B 190 -7.38 9.87 -21.45
CA VAL B 190 -8.05 11.17 -21.60
C VAL B 190 -8.94 11.45 -20.38
N ASP B 191 -9.56 10.41 -19.81
CA ASP B 191 -10.31 10.61 -18.58
C ASP B 191 -9.41 10.99 -17.42
N PHE B 192 -8.17 10.49 -17.42
CA PHE B 192 -7.23 10.85 -16.36
C PHE B 192 -6.82 12.31 -16.43
N LYS B 193 -6.80 12.89 -17.64
CA LYS B 193 -6.47 14.31 -17.77
C LYS B 193 -7.59 15.20 -17.25
N LYS B 194 -8.79 14.68 -17.07
CA LYS B 194 -9.90 15.46 -16.54
C LYS B 194 -9.86 15.60 -15.03
N MET B 195 -8.73 15.29 -14.40
CA MET B 195 -8.57 15.44 -12.96
C MET B 195 -7.35 16.32 -12.68
N PRO B 196 -7.54 17.53 -12.15
CA PRO B 196 -6.38 18.40 -11.88
C PRO B 196 -5.54 17.88 -10.73
N LEU B 197 -4.66 16.92 -11.03
CA LEU B 197 -3.90 16.24 -9.98
C LEU B 197 -3.02 17.21 -9.22
N GLU B 198 -2.56 18.29 -9.86
CA GLU B 198 -1.76 19.28 -9.17
C GLU B 198 -2.59 20.10 -8.19
N ASN B 199 -3.87 20.34 -8.51
CA ASN B 199 -4.75 21.04 -7.59
C ASN B 199 -4.91 20.26 -6.29
N TYR B 200 -5.05 18.94 -6.39
CA TYR B 200 -5.21 18.12 -5.19
C TYR B 200 -3.96 18.15 -4.32
N ASP B 201 -2.77 18.13 -4.95
CA ASP B 201 -1.53 18.19 -4.18
C ASP B 201 -1.36 19.54 -3.50
N THR B 202 -1.64 20.62 -4.24
CA THR B 202 -1.52 21.96 -3.66
C THR B 202 -2.51 22.15 -2.52
N PHE B 203 -3.73 21.62 -2.68
CA PHE B 203 -4.76 21.81 -1.66
C PHE B 203 -4.38 21.14 -0.35
N ILE B 204 -4.00 19.86 -0.40
CA ILE B 204 -3.71 19.13 0.82
C ILE B 204 -2.42 19.61 1.47
N LYS B 205 -1.49 20.17 0.68
CA LYS B 205 -0.26 20.71 1.25
C LYS B 205 -0.57 21.94 2.11
N GLN B 206 -1.39 22.85 1.59
CA GLN B 206 -1.74 24.04 2.36
C GLN B 206 -2.54 23.67 3.60
N PHE B 207 -3.43 22.69 3.47
CA PHE B 207 -4.32 22.36 4.58
C PHE B 207 -3.56 21.70 5.71
N LYS B 208 -2.61 20.81 5.40
CA LYS B 208 -1.84 20.15 6.45
C LYS B 208 -1.01 21.16 7.22
N ASN B 209 -0.46 22.16 6.53
CA ASN B 209 0.31 23.19 7.22
C ASN B 209 -0.60 24.13 8.00
N SER B 210 -1.76 24.48 7.42
CA SER B 210 -2.73 25.28 8.16
C SER B 210 -3.19 24.54 9.41
N TYR B 211 -3.31 23.21 9.32
CA TYR B 211 -3.69 22.41 10.49
C TYR B 211 -2.61 22.45 11.56
N LEU B 212 -1.36 22.29 11.17
CA LEU B 212 -0.27 22.30 12.15
C LEU B 212 -0.12 23.67 12.79
N SER B 213 -0.31 24.74 12.02
CA SER B 213 -0.24 26.08 12.59
C SER B 213 -1.37 26.31 13.60
N TYR B 214 -2.58 25.85 13.26
CA TYR B 214 -3.69 25.95 14.19
C TYR B 214 -3.37 25.28 15.52
N VAL B 215 -2.88 24.03 15.47
CA VAL B 215 -2.60 23.31 16.71
C VAL B 215 -1.47 23.98 17.48
N ASP B 216 -0.48 24.53 16.77
CA ASP B 216 0.60 25.23 17.45
C ASP B 216 0.10 26.49 18.14
N LEU B 217 -0.84 27.20 17.51
CA LEU B 217 -1.42 28.37 18.14
C LEU B 217 -2.23 27.99 19.38
N ILE B 218 -2.98 26.89 19.30
CA ILE B 218 -3.75 26.43 20.44
C ILE B 218 -2.82 26.03 21.59
N ARG B 219 -1.68 25.43 21.26
CA ARG B 219 -0.72 25.06 22.30
C ARG B 219 -0.23 26.27 23.07
N LYS B 220 0.10 27.36 22.37
CA LYS B 220 0.63 28.54 23.05
C LYS B 220 -0.45 29.25 23.85
N ILE B 221 -1.70 29.16 23.42
CA ILE B 221 -2.79 29.81 24.16
C ILE B 221 -3.14 29.04 25.42
N GLU B 222 -3.15 27.70 25.33
CA GLU B 222 -3.50 26.90 26.50
C GLU B 222 -2.46 27.01 27.60
N LYS B 223 -1.20 27.25 27.24
CA LYS B 223 -0.15 27.44 28.24
C LYS B 223 -0.43 28.65 29.12
N GLN B 224 -1.28 29.58 28.67
CA GLN B 224 -1.56 30.81 29.40
C GLN B 224 -2.88 30.77 30.18
N ILE B 225 -3.92 30.15 29.62
CA ILE B 225 -5.26 30.20 30.19
C ILE B 225 -5.93 28.84 30.11
N ASP B 226 -6.90 28.64 30.98
CA ASP B 226 -7.85 27.52 30.88
C ASP B 226 -9.16 28.09 30.35
N ASP B 227 -9.52 27.71 29.13
CA ASP B 227 -10.78 28.18 28.57
C ASP B 227 -11.73 26.99 28.40
N PRO B 228 -12.46 26.61 29.43
CA PRO B 228 -13.31 25.41 29.33
C PRO B 228 -14.35 25.54 28.23
N ILE B 229 -14.74 24.38 27.69
CA ILE B 229 -15.73 24.23 26.64
C ILE B 229 -15.17 24.70 25.30
N THR B 230 -14.79 25.98 25.20
CA THR B 230 -14.31 26.50 23.93
C THR B 230 -13.01 25.82 23.50
N LEU B 231 -12.05 25.71 24.40
CA LEU B 231 -10.77 25.09 24.05
C LEU B 231 -10.93 23.61 23.74
N ASN B 232 -11.81 22.92 24.47
CA ASN B 232 -12.07 21.51 24.19
C ASN B 232 -12.68 21.33 22.81
N ALA B 233 -13.62 22.21 22.44
CA ALA B 233 -14.29 22.08 21.15
C ALA B 233 -13.32 22.24 20.00
N ILE B 234 -12.45 23.25 20.06
CA ILE B 234 -11.54 23.51 18.95
C ILE B 234 -10.52 22.37 18.82
N LYS B 235 -10.17 21.73 19.93
CA LYS B 235 -9.25 20.59 19.84
C LYS B 235 -9.93 19.38 19.22
N PHE B 236 -11.20 19.14 19.56
CA PHE B 236 -11.93 18.04 18.97
C PHE B 236 -12.08 18.22 17.46
N VAL B 237 -12.43 19.43 17.02
CA VAL B 237 -12.57 19.68 15.59
C VAL B 237 -11.25 19.48 14.88
N LEU B 238 -10.16 19.95 15.49
CA LEU B 238 -8.84 19.76 14.90
C LEU B 238 -8.47 18.27 14.85
N LYS B 239 -8.80 17.52 15.89
CA LYS B 239 -8.56 16.09 15.87
C LYS B 239 -9.30 15.43 14.71
N GLU B 240 -10.57 15.78 14.51
CA GLU B 240 -11.31 15.29 13.36
C GLU B 240 -10.66 15.73 12.05
N MET B 241 -10.22 17.00 12.00
CA MET B 241 -9.54 17.50 10.80
C MET B 241 -8.33 16.64 10.47
N GLY B 242 -7.54 16.27 11.48
CA GLY B 242 -6.39 15.41 11.24
C GLY B 242 -6.78 14.07 10.64
N TYR B 243 -7.90 13.50 11.10
CA TYR B 243 -8.36 12.24 10.53
C TYR B 243 -8.74 12.40 9.06
N ILE B 244 -9.44 13.49 8.73
CA ILE B 244 -9.87 13.69 7.36
C ILE B 244 -8.67 14.00 6.46
N ILE B 245 -7.68 14.72 6.97
CA ILE B 245 -6.45 14.95 6.21
C ILE B 245 -5.79 13.62 5.87
N ASP B 246 -5.70 12.71 6.84
CA ASP B 246 -5.11 11.40 6.58
C ASP B 246 -5.90 10.64 5.52
N ARG B 247 -7.23 10.74 5.56
CA ARG B 247 -8.06 10.07 4.56
C ARG B 247 -7.81 10.64 3.17
N PHE B 248 -7.68 11.97 3.07
CA PHE B 248 -7.41 12.60 1.77
C PHE B 248 -6.10 12.10 1.19
N GLU B 249 -5.03 12.07 2.01
CA GLU B 249 -3.75 11.61 1.52
C GLU B 249 -3.79 10.15 1.11
N TYR B 250 -4.52 9.32 1.85
CA TYR B 250 -4.67 7.92 1.48
C TYR B 250 -5.28 7.78 0.09
N HIS B 251 -6.44 8.40 -0.13
CA HIS B 251 -7.13 8.23 -1.40
C HIS B 251 -6.43 8.95 -2.55
N LEU B 252 -5.68 10.01 -2.24
CA LEU B 252 -4.87 10.65 -3.27
C LEU B 252 -3.71 9.76 -3.70
N GLN B 253 -3.10 9.04 -2.75
CA GLN B 253 -2.02 8.13 -3.10
C GLN B 253 -2.50 7.01 -4.00
N LYS B 254 -3.72 6.51 -3.77
CA LYS B 254 -4.21 5.40 -4.59
C LYS B 254 -4.55 5.87 -6.00
N VAL B 255 -5.19 7.04 -6.13
CA VAL B 255 -5.53 7.52 -7.47
C VAL B 255 -4.26 7.88 -8.25
N LYS B 256 -3.22 8.37 -7.55
CA LYS B 256 -1.94 8.60 -8.22
C LYS B 256 -1.33 7.28 -8.68
N HIS B 257 -1.33 6.28 -7.80
CA HIS B 257 -0.79 4.97 -8.17
C HIS B 257 -1.52 4.38 -9.37
N ALA B 258 -2.85 4.47 -9.37
CA ALA B 258 -3.62 3.89 -10.47
C ALA B 258 -3.33 4.59 -11.80
N ILE B 259 -3.22 5.91 -11.79
CA ILE B 259 -2.94 6.63 -13.02
C ILE B 259 -1.52 6.34 -13.51
N ASP B 260 -0.57 6.23 -12.59
CA ASP B 260 0.81 5.93 -12.99
C ASP B 260 0.92 4.55 -13.63
N GLN B 261 0.18 3.58 -13.11
CA GLN B 261 0.25 2.22 -13.65
C GLN B 261 -0.30 2.16 -15.08
N VAL B 262 -1.47 2.76 -15.30
CA VAL B 262 -2.08 2.74 -16.62
C VAL B 262 -1.24 3.55 -17.61
N THR B 263 -0.63 4.63 -17.14
CA THR B 263 0.21 5.44 -18.03
C THR B 263 1.49 4.71 -18.39
N ALA B 264 2.07 3.96 -17.44
CA ALA B 264 3.28 3.19 -17.73
C ALA B 264 3.01 2.11 -18.76
N LEU B 265 1.80 1.55 -18.78
CA LEU B 265 1.44 0.58 -19.81
C LEU B 265 1.39 1.24 -21.18
N ALA B 266 0.92 2.48 -21.25
CA ALA B 266 0.82 3.16 -22.53
C ALA B 266 2.16 3.64 -23.06
N ASP B 267 3.18 3.77 -22.21
CA ASP B 267 4.49 4.20 -22.65
C ASP B 267 5.43 3.04 -22.99
N GLY B 268 5.01 1.81 -22.75
CA GLY B 268 5.82 0.65 -23.07
C GLY B 268 5.44 0.02 -24.41
N VAL B 269 6.11 -1.09 -24.71
CA VAL B 269 5.84 -1.80 -25.96
C VAL B 269 4.44 -2.40 -25.92
N LYS B 270 3.82 -2.52 -27.08
CA LYS B 270 2.43 -2.97 -27.18
C LYS B 270 2.37 -4.29 -27.93
N PRO B 271 2.30 -5.41 -27.23
CA PRO B 271 2.21 -6.71 -27.93
C PRO B 271 0.92 -6.83 -28.71
N LYS B 272 0.99 -7.57 -29.81
CA LYS B 272 -0.16 -7.70 -30.70
C LYS B 272 -1.11 -8.80 -30.21
N GLN B 273 -0.57 -9.90 -29.72
CA GLN B 273 -1.36 -11.02 -29.25
C GLN B 273 -0.71 -11.63 -28.02
N VAL B 274 -1.54 -12.11 -27.10
CA VAL B 274 -1.10 -12.77 -25.89
C VAL B 274 -1.93 -14.04 -25.70
N THR B 275 -1.59 -14.82 -24.68
CA THR B 275 -2.41 -15.97 -24.35
C THR B 275 -3.66 -15.52 -23.60
N LYS B 276 -4.62 -16.44 -23.51
CA LYS B 276 -5.91 -16.10 -22.91
C LYS B 276 -5.78 -15.84 -21.41
N ASN B 277 -4.94 -16.62 -20.73
CA ASN B 277 -4.70 -16.36 -19.31
C ASN B 277 -4.03 -15.01 -19.10
N GLU B 278 -3.17 -14.60 -20.03
CA GLU B 278 -2.57 -13.27 -19.95
C GLU B 278 -3.61 -12.19 -20.20
N LEU B 279 -4.54 -12.43 -21.14
CA LEU B 279 -5.58 -11.45 -21.41
C LEU B 279 -6.55 -11.32 -20.24
N LYS B 280 -6.74 -12.39 -19.47
CA LYS B 280 -7.50 -12.29 -18.23
C LYS B 280 -6.84 -11.31 -17.27
N GLU B 281 -5.54 -11.49 -17.03
CA GLU B 281 -4.82 -10.58 -16.16
C GLU B 281 -4.83 -9.16 -16.69
N TYR B 282 -4.78 -9.00 -18.02
CA TYR B 282 -4.81 -7.68 -18.62
C TYR B 282 -6.10 -6.94 -18.25
N TYR B 283 -7.25 -7.56 -18.52
CA TYR B 283 -8.53 -6.92 -18.23
C TYR B 283 -8.69 -6.63 -16.74
N PHE B 284 -8.30 -7.58 -15.88
CA PHE B 284 -8.35 -7.34 -14.45
C PHE B 284 -7.41 -6.22 -14.02
N ASN B 285 -6.31 -6.03 -14.75
CA ASN B 285 -5.33 -5.01 -14.38
C ASN B 285 -5.89 -3.61 -14.66
N ILE B 286 -6.25 -3.35 -15.92
CA ILE B 286 -6.75 -2.03 -16.27
C ILE B 286 -8.14 -1.80 -15.71
N GLY B 287 -8.92 -2.86 -15.53
CA GLY B 287 -10.28 -2.71 -15.03
C GLY B 287 -10.31 -2.22 -13.59
N ASN B 288 -9.47 -2.82 -12.73
CA ASN B 288 -9.43 -2.39 -11.35
C ASN B 288 -8.74 -1.04 -11.20
N TYR B 289 -7.78 -0.74 -12.09
CA TYR B 289 -7.11 0.56 -12.00
C TYR B 289 -8.04 1.71 -12.37
N TYR B 290 -8.86 1.53 -13.40
CA TYR B 290 -9.84 2.56 -13.72
C TYR B 290 -10.91 2.64 -12.64
N ALA B 291 -11.27 1.51 -12.04
CA ALA B 291 -12.24 1.52 -10.94
C ALA B 291 -11.71 2.31 -9.76
N ILE B 292 -10.43 2.09 -9.40
CA ILE B 292 -9.82 2.85 -8.32
C ILE B 292 -9.85 4.34 -8.63
N PHE B 293 -9.46 4.72 -9.84
CA PHE B 293 -9.46 6.12 -10.25
C PHE B 293 -10.87 6.72 -10.11
N LYS B 294 -11.86 6.06 -10.70
CA LYS B 294 -13.23 6.56 -10.63
C LYS B 294 -13.71 6.65 -9.18
N PHE B 295 -13.38 5.63 -8.37
CA PHE B 295 -13.84 5.60 -6.99
C PHE B 295 -13.13 6.65 -6.14
N ALA B 296 -11.81 6.76 -6.28
CA ALA B 296 -11.04 7.69 -5.47
C ALA B 296 -11.38 9.14 -5.81
N LYS B 297 -11.79 9.42 -7.05
CA LYS B 297 -12.13 10.79 -7.43
C LYS B 297 -13.29 11.30 -6.61
N ASP B 298 -14.40 10.55 -6.57
CA ASP B 298 -15.58 10.99 -5.84
C ASP B 298 -15.33 10.97 -4.33
N GLN B 299 -14.40 10.13 -3.86
CA GLN B 299 -14.05 10.15 -2.45
C GLN B 299 -13.29 11.41 -2.09
N LEU B 300 -12.29 11.77 -2.90
CA LEU B 300 -11.52 12.98 -2.64
C LEU B 300 -12.39 14.23 -2.73
N ASN B 301 -13.35 14.24 -3.65
CA ASN B 301 -14.26 15.38 -3.74
C ASN B 301 -15.05 15.55 -2.45
N MET B 302 -15.57 14.44 -1.92
CA MET B 302 -16.28 14.48 -0.64
C MET B 302 -15.35 14.93 0.48
N LEU B 303 -14.12 14.41 0.51
CA LEU B 303 -13.18 14.78 1.55
C LEU B 303 -12.73 16.23 1.41
N ASN B 304 -12.67 16.74 0.18
CA ASN B 304 -12.36 18.15 -0.03
C ASN B 304 -13.39 19.04 0.66
N LYS B 305 -14.68 18.74 0.46
CA LYS B 305 -15.72 19.54 1.10
C LYS B 305 -15.73 19.38 2.61
N ALA B 306 -15.40 18.19 3.11
CA ALA B 306 -15.41 17.98 4.55
C ALA B 306 -14.31 18.78 5.24
N LEU B 307 -13.14 18.86 4.61
CA LEU B 307 -12.04 19.65 5.17
C LEU B 307 -12.39 21.13 5.21
N ILE B 308 -12.91 21.66 4.10
CA ILE B 308 -13.30 23.06 4.05
C ILE B 308 -14.34 23.37 5.12
N HIS B 309 -15.29 22.47 5.32
CA HIS B 309 -16.32 22.66 6.33
C HIS B 309 -15.72 22.69 7.74
N LYS B 310 -14.83 21.73 8.04
CA LYS B 310 -14.19 21.71 9.35
C LYS B 310 -13.37 22.97 9.60
N GLU B 311 -12.74 23.51 8.55
CA GLU B 311 -11.90 24.70 8.72
C GLU B 311 -12.74 25.91 9.10
N LYS B 312 -13.93 26.05 8.53
CA LYS B 312 -14.80 27.16 8.89
C LYS B 312 -15.23 27.07 10.35
N ILE B 313 -15.47 25.85 10.85
CA ILE B 313 -15.81 25.68 12.26
C ILE B 313 -14.64 26.13 13.14
N VAL B 314 -13.42 25.73 12.77
CA VAL B 314 -12.23 26.14 13.53
C VAL B 314 -12.09 27.66 13.53
N HIS B 315 -12.31 28.29 12.37
CA HIS B 315 -12.22 29.74 12.27
C HIS B 315 -13.16 30.42 13.26
N ASN B 316 -14.43 30.01 13.28
CA ASN B 316 -15.39 30.61 14.21
CA ASN B 316 -15.39 30.60 14.21
C ASN B 316 -14.98 30.35 15.65
N LEU B 317 -14.58 29.12 15.98
CA LEU B 317 -14.17 28.81 17.34
C LEU B 317 -12.93 29.60 17.75
N LEU B 318 -12.02 29.82 16.83
CA LEU B 318 -10.79 30.54 17.16
C LEU B 318 -11.09 32.00 17.52
N GLY B 319 -12.04 32.62 16.81
CA GLY B 319 -12.44 33.97 17.17
C GLY B 319 -13.07 34.03 18.55
N GLU B 320 -13.86 33.01 18.90
CA GLU B 320 -14.40 32.93 20.25
C GLU B 320 -13.28 32.76 21.28
N LEU B 321 -12.25 31.98 20.95
CA LEU B 321 -11.15 31.73 21.87
C LEU B 321 -10.34 33.00 22.13
N PHE B 322 -10.14 33.83 21.10
CA PHE B 322 -9.39 35.06 21.30
C PHE B 322 -10.16 36.04 22.17
N GLY B 323 -11.49 36.06 22.07
CA GLY B 323 -12.29 36.92 22.93
C GLY B 323 -12.14 36.56 24.40
N HIS B 324 -12.11 35.26 24.71
CA HIS B 324 -11.93 34.84 26.09
C HIS B 324 -10.52 35.13 26.58
N LEU B 325 -9.53 35.07 25.69
CA LEU B 325 -8.16 35.41 26.09
C LEU B 325 -8.02 36.88 26.44
N GLU B 326 -8.75 37.76 25.75
CA GLU B 326 -8.64 39.19 26.02
C GLU B 326 -9.23 39.54 27.38
N GLU B 327 -10.42 39.00 27.70
CA GLU B 327 -11.07 39.30 28.96
C GLU B 327 -10.36 38.65 30.15
N ARG B 328 -9.41 37.74 29.91
CA ARG B 328 -8.65 37.13 30.99
C ARG B 328 -7.47 38.00 31.40
N ILE B 329 -6.81 38.63 30.44
CA ILE B 329 -5.63 39.45 30.72
C ILE B 329 -5.95 40.93 30.54
C1 MPD C . 22.87 -0.41 16.28
C2 MPD C . 23.93 -1.52 16.37
O2 MPD C . 23.85 -2.24 15.15
CM MPD C . 25.31 -0.87 16.50
C3 MPD C . 23.61 -2.43 17.58
C4 MPD C . 24.72 -3.32 18.11
O4 MPD C . 24.33 -3.79 19.41
C5 MPD C . 25.01 -4.50 17.19
C1 GOL D . 21.39 -0.33 -13.15
O1 GOL D . 22.03 -1.58 -13.29
C2 GOL D . 21.57 0.19 -11.73
O2 GOL D . 22.94 0.24 -11.41
C3 GOL D . 20.94 1.57 -11.63
O3 GOL D . 20.74 1.88 -10.27
C1 GOL E . 24.61 -16.62 -18.14
O1 GOL E . 24.87 -17.53 -19.19
C2 GOL E . 25.75 -16.64 -17.16
O2 GOL E . 25.79 -17.91 -16.54
C3 GOL E . 27.07 -16.35 -17.86
O3 GOL E . 27.26 -17.34 -18.86
C1 MPD F . 27.63 -14.28 -24.83
C2 MPD F . 26.23 -14.86 -24.89
O2 MPD F . 25.57 -14.24 -25.99
CM MPD F . 26.30 -16.37 -25.15
C3 MPD F . 25.47 -14.53 -23.58
C4 MPD F . 26.30 -14.44 -22.29
O4 MPD F . 25.64 -13.54 -21.41
C5 MPD F . 26.48 -15.79 -21.63
N1 EPE G . 23.21 -5.89 6.59
C2 EPE G . 23.69 -7.09 5.92
C3 EPE G . 24.58 -6.72 4.74
N4 EPE G . 23.88 -5.85 3.81
C5 EPE G . 23.40 -4.67 4.50
C6 EPE G . 22.50 -5.06 5.64
C7 EPE G . 24.67 -5.48 2.65
C8 EPE G . 25.05 -6.65 1.75
O8 EPE G . 25.91 -6.19 0.73
C9 EPE G . 22.41 -6.16 7.77
C10 EPE G . 23.27 -6.53 8.97
S EPE G . 22.31 -6.65 10.50
O1S EPE G . 21.80 -5.29 10.76
O2S EPE G . 23.25 -7.14 11.50
O3S EPE G . 21.21 -7.62 10.20
C1 GOL H . 12.05 16.30 27.39
O1 GOL H . 11.05 15.33 27.58
C2 GOL H . 11.99 16.81 25.98
O2 GOL H . 10.86 17.65 25.82
C3 GOL H . 11.94 15.66 24.99
O3 GOL H . 12.13 16.18 23.69
C1 PEG I . -23.97 3.30 -8.54
O1 PEG I . -25.17 3.72 -9.13
C2 PEG I . -22.94 4.39 -8.64
O2 PEG I . -23.36 5.56 -8.00
C3 PEG I . -22.42 6.61 -8.11
C4 PEG I . -22.82 7.78 -7.26
O4 PEG I . -21.94 8.86 -7.51
C1 GOL J . 1.61 21.83 17.00
O1 GOL J . 1.33 20.66 16.26
C2 GOL J . 2.12 21.47 18.36
O2 GOL J . 2.66 22.62 18.97
C3 GOL J . 1.01 20.87 19.21
O3 GOL J . 1.44 20.77 20.55
#